data_7W8Y
#
_entry.id   7W8Y
#
_cell.length_a   49.521
_cell.length_b   44.714
_cell.length_c   78.384
_cell.angle_alpha   90.000
_cell.angle_beta   97.325
_cell.angle_gamma   90.000
#
_symmetry.space_group_name_H-M   'P 1 21 1'
#
loop_
_entity.id
_entity.type
_entity.pdbx_description
1 polymer '6-dimethylallyltryptophan synthase'
2 non-polymer 'DIMETHYLALLYL S-THIOLODIPHOSPHATE'
3 non-polymer 'SULFATE ION'
4 non-polymer 2-AMINO-2-HYDROXYMETHYL-PROPANE-1,3-DIOL
5 non-polymer 2,3-DIHYDROXY-1,4-DITHIOBUTANE
6 non-polymer N-methyl-L-tryptophan
7 water water
#
_entity_poly.entity_id   1
_entity_poly.type   'polypeptide(L)'
_entity_poly.pdbx_seq_one_letter_code
;GSHLEPTQLGGLVTDQLARLCDVARLDRTDTETYVQTLATSLGTAAERSLALPPTTATLLSDDHTPVEYSLAFLPGATPA
LRVLVEPGWDSGDLAENGRAGLRAIRAMADRWNFSTDQLDLLEDLFFPVAPAGPFALWCALELRPGGVPGVKVYLNPAAR
GRDRRAETLREALDRLGHRQAFAALPPADDYPFLALDLGEWAAPRVKVYCTHESLSAQEAGEYSRLAAADGRDQTTDFFH
AVAGTDAGGTGQPSTRRALTCHSFTDTVTGRPSGFTLHMPVRSYVEHDGRARDRAADVLRRYGMDNDALDRALAAVTPRP
LDDGVGLVAYVALVHQLGRDPRVTVYVSSEAYAVQPPRTALATGPGIGR
;
_entity_poly.pdbx_strand_id   A
#
loop_
_chem_comp.id
_chem_comp.type
_chem_comp.name
_chem_comp.formula
DST non-polymer 'DIMETHYLALLYL S-THIOLODIPHOSPHATE' 'C5 H12 O6 P2 S'
DTT non-polymer 2,3-DIHYDROXY-1,4-DITHIOBUTANE 'C4 H10 O2 S2'
SO4 non-polymer 'SULFATE ION' 'O4 S -2'
TRS non-polymer 2-AMINO-2-HYDROXYMETHYL-PROPANE-1,3-DIOL 'C4 H12 N O3 1'
#
# COMPACT_ATOMS: atom_id res chain seq x y z
N GLY A 1 -16.11 16.19 -17.59
CA GLY A 1 -16.33 16.88 -16.34
C GLY A 1 -16.50 15.89 -15.22
N SER A 2 -16.72 16.39 -14.00
CA SER A 2 -16.84 15.55 -12.82
C SER A 2 -18.18 15.84 -12.14
N HIS A 3 -18.90 14.77 -11.78
CA HIS A 3 -20.13 14.88 -11.00
C HIS A 3 -19.88 15.09 -9.52
N LEU A 4 -18.62 15.18 -9.09
CA LEU A 4 -18.25 15.24 -7.68
C LEU A 4 -17.91 16.67 -7.27
N GLU A 5 -18.22 17.01 -6.03
CA GLU A 5 -17.98 18.32 -5.45
C GLU A 5 -16.85 18.25 -4.43
N PRO A 6 -16.18 19.37 -4.16
CA PRO A 6 -15.10 19.36 -3.17
C PRO A 6 -15.56 19.08 -1.75
N THR A 7 -16.87 19.14 -1.46
CA THR A 7 -17.36 18.74 -0.15
C THR A 7 -17.58 17.23 -0.04
N GLN A 8 -17.40 16.49 -1.12
CA GLN A 8 -17.60 15.05 -1.13
C GLN A 8 -16.25 14.33 -1.09
N LEU A 9 -16.26 13.13 -0.51
CA LEU A 9 -15.02 12.37 -0.38
C LEU A 9 -14.34 12.19 -1.74
N GLY A 10 -15.13 11.81 -2.76
CA GLY A 10 -14.58 11.62 -4.10
C GLY A 10 -13.99 12.88 -4.69
N GLY A 11 -14.61 14.02 -4.41
CA GLY A 11 -14.07 15.26 -4.94
C GLY A 11 -12.70 15.57 -4.36
N LEU A 12 -12.57 15.47 -3.04
CA LEU A 12 -11.28 15.69 -2.40
C LEU A 12 -10.22 14.74 -2.95
N VAL A 13 -10.53 13.45 -3.04
CA VAL A 13 -9.48 12.49 -3.41
C VAL A 13 -9.10 12.60 -4.88
N THR A 14 -10.08 12.86 -5.76
CA THR A 14 -9.74 13.02 -7.17
C THR A 14 -8.92 14.28 -7.41
N ASP A 15 -9.20 15.35 -6.65
CA ASP A 15 -8.37 16.56 -6.73
C ASP A 15 -6.94 16.25 -6.30
N GLN A 16 -6.79 15.54 -5.17
CA GLN A 16 -5.45 15.13 -4.73
C GLN A 16 -4.78 14.25 -5.77
N LEU A 17 -5.51 13.31 -6.36
CA LEU A 17 -4.88 12.38 -7.29
C LEU A 17 -4.47 13.09 -8.57
N ALA A 18 -5.32 14.00 -9.06
CA ALA A 18 -4.99 14.75 -10.26
C ALA A 18 -3.72 15.55 -10.06
N ARG A 19 -3.58 16.21 -8.92
CA ARG A 19 -2.36 16.96 -8.67
C ARG A 19 -1.15 16.03 -8.61
N LEU A 20 -1.32 14.86 -7.98
CA LEU A 20 -0.22 13.89 -7.90
C LEU A 20 0.15 13.35 -9.28
N CYS A 21 -0.82 13.21 -10.18
CA CYS A 21 -0.51 12.78 -11.54
C CYS A 21 0.44 13.76 -12.23
N ASP A 22 0.29 15.06 -11.96
CA ASP A 22 1.23 16.05 -12.47
C ASP A 22 2.64 15.79 -11.97
N VAL A 23 2.78 15.57 -10.65
CA VAL A 23 4.10 15.25 -10.11
C VAL A 23 4.67 14.02 -10.82
N ALA A 24 3.82 13.03 -11.10
CA ALA A 24 4.27 11.82 -11.76
C ALA A 24 4.41 12.04 -13.25
N ARG A 25 4.15 13.25 -13.72
CA ARG A 25 4.32 13.60 -15.13
C ARG A 25 3.47 12.72 -16.05
N LEU A 26 2.26 12.40 -15.61
CA LEU A 26 1.31 11.73 -16.48
C LEU A 26 0.55 12.76 -17.29
N ASP A 27 0.24 12.44 -18.54
CA ASP A 27 -0.41 13.39 -19.43
C ASP A 27 -1.88 13.57 -19.03
N ARG A 28 -2.55 14.52 -19.71
CA ARG A 28 -3.94 14.85 -19.37
C ARG A 28 -4.86 13.65 -19.56
N THR A 29 -4.63 12.87 -20.62
CA THR A 29 -5.48 11.71 -20.89
C THR A 29 -5.36 10.67 -19.78
N ASP A 30 -4.13 10.26 -19.47
CA ASP A 30 -3.94 9.28 -18.41
C ASP A 30 -4.44 9.82 -17.08
N THR A 31 -4.20 11.11 -16.82
CA THR A 31 -4.68 11.70 -15.58
C THR A 31 -6.20 11.59 -15.47
N GLU A 32 -6.92 11.94 -16.54
CA GLU A 32 -8.36 11.84 -16.51
C GLU A 32 -8.80 10.38 -16.32
N THR A 33 -8.13 9.45 -16.99
CA THR A 33 -8.46 8.04 -16.85
C THR A 33 -8.34 7.57 -15.41
N TYR A 34 -7.25 7.93 -14.74
CA TYR A 34 -7.02 7.46 -13.38
C TYR A 34 -7.88 8.19 -12.34
N VAL A 35 -8.13 9.49 -12.52
CA VAL A 35 -9.07 10.15 -11.62
C VAL A 35 -10.44 9.48 -11.71
N GLN A 36 -10.87 9.16 -12.92
CA GLN A 36 -12.16 8.47 -13.05
C GLN A 36 -12.08 7.06 -12.50
N THR A 37 -10.95 6.37 -12.70
CA THR A 37 -10.82 5.02 -12.16
C THR A 37 -10.92 5.03 -10.63
N LEU A 38 -10.25 5.98 -9.99
CA LEU A 38 -10.37 6.09 -8.54
C LEU A 38 -11.82 6.36 -8.13
N ALA A 39 -12.48 7.34 -8.77
CA ALA A 39 -13.85 7.65 -8.37
C ALA A 39 -14.74 6.44 -8.50
N THR A 40 -14.61 5.72 -9.63
CA THR A 40 -15.45 4.53 -9.86
C THR A 40 -15.15 3.47 -8.81
N SER A 41 -13.87 3.24 -8.51
CA SER A 41 -13.52 2.19 -7.57
C SER A 41 -14.06 2.47 -6.17
N LEU A 42 -14.26 3.74 -5.82
CA LEU A 42 -14.85 4.05 -4.53
C LEU A 42 -16.35 3.79 -4.47
N GLY A 43 -17.02 3.64 -5.61
CA GLY A 43 -18.45 3.35 -5.56
C GLY A 43 -19.22 4.51 -4.98
N THR A 44 -20.22 4.19 -4.15
CA THR A 44 -21.02 5.24 -3.53
C THR A 44 -20.24 6.10 -2.55
N ALA A 45 -19.07 5.65 -2.08
CA ALA A 45 -18.27 6.51 -1.23
C ALA A 45 -17.84 7.78 -1.95
N ALA A 46 -17.74 7.75 -3.27
CA ALA A 46 -17.23 8.92 -3.98
C ALA A 46 -18.11 10.14 -3.71
N GLU A 47 -19.42 9.92 -3.63
CA GLU A 47 -20.41 10.98 -3.48
C GLU A 47 -20.73 11.31 -2.03
N ARG A 48 -20.10 10.62 -1.07
CA ARG A 48 -20.40 10.84 0.34
C ARG A 48 -19.88 12.20 0.83
N SER A 49 -20.74 12.93 1.53
CA SER A 49 -20.32 14.21 2.08
C SER A 49 -19.20 13.99 3.10
N LEU A 50 -18.16 14.82 2.99
CA LEU A 50 -17.07 14.80 3.97
C LEU A 50 -17.54 15.22 5.36
N ALA A 51 -18.76 15.76 5.48
CA ALA A 51 -19.28 16.16 6.77
C ALA A 51 -19.78 14.98 7.59
N LEU A 52 -20.12 13.87 6.97
CA LEU A 52 -20.52 12.68 7.68
C LEU A 52 -19.28 11.91 8.13
N PRO A 53 -19.42 11.10 9.17
CA PRO A 53 -18.27 10.32 9.64
C PRO A 53 -17.87 9.30 8.60
N PRO A 54 -16.64 8.80 8.65
CA PRO A 54 -16.25 7.70 7.75
C PRO A 54 -17.22 6.54 7.89
N THR A 55 -17.62 5.97 6.75
CA THR A 55 -18.54 4.85 6.81
C THR A 55 -17.94 3.68 7.58
N THR A 56 -16.65 3.42 7.39
CA THR A 56 -15.98 2.29 8.01
C THR A 56 -14.73 2.83 8.69
N ALA A 57 -14.47 2.36 9.91
CA ALA A 57 -13.29 2.77 10.67
C ALA A 57 -12.05 1.99 10.22
N THR A 58 -11.71 2.19 8.95
CA THR A 58 -10.80 1.26 8.29
C THR A 58 -9.37 1.42 8.79
N LEU A 59 -8.65 0.31 8.81
CA LEU A 59 -7.21 0.29 9.04
C LEU A 59 -6.40 0.87 7.89
N LEU A 60 -7.01 1.10 6.72
CA LEU A 60 -6.23 1.55 5.58
C LEU A 60 -5.44 2.81 5.92
N SER A 61 -6.07 3.76 6.62
CA SER A 61 -5.35 4.95 7.04
C SER A 61 -5.82 5.31 8.43
N ASP A 62 -4.96 6.08 9.14
CA ASP A 62 -5.22 6.42 10.54
C ASP A 62 -6.53 7.18 10.72
N ASP A 63 -6.85 8.06 9.80
CA ASP A 63 -8.10 8.81 9.91
C ASP A 63 -9.25 8.15 9.16
N HIS A 64 -9.03 6.96 8.61
CA HIS A 64 -10.09 6.13 8.03
C HIS A 64 -10.55 6.57 6.66
N THR A 65 -9.77 7.42 5.98
CA THR A 65 -10.00 7.65 4.57
C THR A 65 -9.70 6.37 3.81
N PRO A 66 -10.55 5.97 2.85
CA PRO A 66 -10.32 4.70 2.12
C PRO A 66 -9.35 4.82 0.95
N VAL A 67 -8.40 5.76 1.04
CA VAL A 67 -7.42 6.00 -0.01
C VAL A 67 -6.10 6.33 0.67
N GLU A 68 -4.99 5.87 0.08
CA GLU A 68 -3.67 6.29 0.50
C GLU A 68 -2.81 6.32 -0.76
N TYR A 69 -1.91 7.30 -0.84
CA TYR A 69 -1.10 7.42 -2.05
C TYR A 69 0.31 6.94 -1.74
N SER A 70 1.05 6.55 -2.79
CA SER A 70 2.47 6.26 -2.65
C SER A 70 3.24 6.63 -3.92
N LEU A 71 4.49 7.01 -3.73
CA LEU A 71 5.38 7.37 -4.83
C LEU A 71 6.62 6.51 -4.70
N ALA A 72 6.95 5.77 -5.76
CA ALA A 72 8.09 4.88 -5.78
C ALA A 72 9.21 5.57 -6.53
N PHE A 73 10.29 5.86 -5.84
CA PHE A 73 11.43 6.57 -6.40
C PHE A 73 12.51 5.60 -6.82
N LEU A 74 12.94 5.68 -8.08
CA LEU A 74 14.13 5.01 -8.54
C LEU A 74 15.22 6.03 -8.82
N PRO A 75 16.49 5.65 -8.71
CA PRO A 75 17.57 6.62 -8.90
C PRO A 75 17.45 7.30 -10.27
N GLY A 76 17.36 8.62 -10.24
CA GLY A 76 17.42 9.41 -11.46
C GLY A 76 16.19 9.42 -12.31
N ALA A 77 15.03 9.02 -11.78
CA ALA A 77 13.80 8.93 -12.56
C ALA A 77 12.67 9.65 -11.83
N THR A 78 11.69 10.10 -12.60
CA THR A 78 10.49 10.64 -11.99
C THR A 78 9.80 9.52 -11.19
N PRO A 79 9.21 9.83 -10.04
CA PRO A 79 8.59 8.77 -9.24
C PRO A 79 7.35 8.20 -9.92
N ALA A 80 7.11 6.93 -9.65
CA ALA A 80 5.91 6.25 -10.13
C ALA A 80 4.83 6.43 -9.08
N LEU A 81 3.60 6.70 -9.53
CA LEU A 81 2.50 6.99 -8.63
C LEU A 81 1.60 5.76 -8.50
N ARG A 82 1.25 5.42 -7.26
CA ARG A 82 0.25 4.39 -7.00
C ARG A 82 -0.79 4.89 -6.01
N VAL A 83 -1.96 4.27 -6.05
CA VAL A 83 -3.01 4.58 -5.09
C VAL A 83 -3.60 3.30 -4.52
N LEU A 84 -3.80 3.26 -3.20
CA LEU A 84 -4.44 2.16 -2.51
C LEU A 84 -5.85 2.60 -2.18
N VAL A 85 -6.84 1.75 -2.45
CA VAL A 85 -8.26 2.07 -2.26
C VAL A 85 -8.96 0.88 -1.61
N GLU A 86 -10.02 1.17 -0.83
CA GLU A 86 -10.88 0.13 -0.29
C GLU A 86 -12.23 0.20 -1.00
N PRO A 87 -12.48 -0.61 -2.03
CA PRO A 87 -13.70 -0.38 -2.82
C PRO A 87 -14.97 -0.59 -2.03
N GLY A 88 -14.95 -1.42 -0.99
CA GLY A 88 -16.16 -1.76 -0.25
C GLY A 88 -16.36 -0.96 1.02
N TRP A 89 -15.62 0.16 1.13
CA TRP A 89 -15.59 0.95 2.37
C TRP A 89 -16.96 1.53 2.72
N ASP A 90 -17.76 1.90 1.73
CA ASP A 90 -19.06 2.49 2.04
C ASP A 90 -20.12 1.43 2.27
N SER A 91 -19.80 0.35 2.98
CA SER A 91 -20.73 -0.73 3.22
C SER A 91 -20.92 -0.88 4.72
N GLY A 92 -21.98 -1.61 5.10
CA GLY A 92 -22.35 -1.70 6.50
C GLY A 92 -21.50 -2.61 7.34
N ASP A 93 -21.00 -3.70 6.78
CA ASP A 93 -20.25 -4.67 7.56
C ASP A 93 -19.16 -5.27 6.69
N LEU A 94 -18.28 -6.04 7.34
CA LEU A 94 -17.11 -6.60 6.66
C LEU A 94 -17.50 -7.50 5.50
N ALA A 95 -18.53 -8.35 5.67
CA ALA A 95 -18.90 -9.26 4.58
C ALA A 95 -19.33 -8.47 3.35
N GLU A 96 -20.15 -7.44 3.54
CA GLU A 96 -20.58 -6.59 2.44
C GLU A 96 -19.40 -5.82 1.85
N ASN A 97 -18.49 -5.36 2.71
CA ASN A 97 -17.27 -4.70 2.24
C ASN A 97 -16.50 -5.60 1.27
N GLY A 98 -16.27 -6.84 1.67
CA GLY A 98 -15.52 -7.77 0.83
C GLY A 98 -16.22 -8.07 -0.48
N ARG A 99 -17.54 -8.29 -0.43
CA ARG A 99 -18.32 -8.51 -1.65
C ARG A 99 -18.14 -7.35 -2.63
N ALA A 100 -18.28 -6.11 -2.14
CA ALA A 100 -18.12 -4.93 -2.98
C ALA A 100 -16.69 -4.81 -3.51
N GLY A 101 -15.70 -5.11 -2.66
CA GLY A 101 -14.31 -5.15 -3.11
C GLY A 101 -14.04 -6.14 -4.23
N LEU A 102 -14.58 -7.38 -4.10
CA LEU A 102 -14.41 -8.37 -5.17
C LEU A 102 -15.11 -7.92 -6.44
N ARG A 103 -16.29 -7.32 -6.32
CA ARG A 103 -16.99 -6.79 -7.48
C ARG A 103 -16.13 -5.76 -8.21
N ALA A 104 -15.48 -4.87 -7.43
CA ALA A 104 -14.60 -3.88 -8.03
C ALA A 104 -13.45 -4.54 -8.78
N ILE A 105 -12.84 -5.56 -8.18
CA ILE A 105 -11.75 -6.26 -8.85
C ILE A 105 -12.25 -6.87 -10.15
N ARG A 106 -13.43 -7.50 -10.11
CA ARG A 106 -13.95 -8.15 -11.32
C ARG A 106 -14.20 -7.13 -12.42
N ALA A 107 -14.71 -5.96 -12.07
CA ALA A 107 -14.91 -4.92 -13.06
C ALA A 107 -13.58 -4.52 -13.69
N MET A 108 -12.53 -4.42 -12.86
CA MET A 108 -11.20 -4.08 -13.39
C MET A 108 -10.67 -5.20 -14.29
N ALA A 109 -10.89 -6.44 -13.90
CA ALA A 109 -10.46 -7.57 -14.73
C ALA A 109 -11.14 -7.53 -16.10
N ASP A 110 -12.44 -7.24 -16.13
CA ASP A 110 -13.15 -7.13 -17.40
C ASP A 110 -12.61 -5.98 -18.22
N ARG A 111 -12.42 -4.82 -17.59
CA ARG A 111 -12.00 -3.63 -18.32
C ARG A 111 -10.62 -3.83 -18.93
N TRP A 112 -9.71 -4.47 -18.21
CA TRP A 112 -8.32 -4.54 -18.64
C TRP A 112 -7.86 -5.94 -19.03
N ASN A 113 -8.79 -6.88 -19.19
CA ASN A 113 -8.49 -8.19 -19.77
C ASN A 113 -7.42 -8.93 -18.97
N PHE A 114 -7.71 -9.17 -17.69
CA PHE A 114 -6.89 -10.07 -16.90
C PHE A 114 -7.81 -11.00 -16.13
N SER A 115 -7.24 -12.10 -15.64
CA SER A 115 -8.01 -13.19 -15.04
C SER A 115 -8.01 -13.08 -13.53
N THR A 116 -9.13 -13.47 -12.94
CA THR A 116 -9.26 -13.55 -11.49
C THR A 116 -9.18 -14.99 -11.01
N ASP A 117 -8.76 -15.91 -11.88
CA ASP A 117 -8.74 -17.33 -11.53
C ASP A 117 -7.92 -17.57 -10.27
N GLN A 118 -6.72 -16.99 -10.21
CA GLN A 118 -5.89 -17.16 -9.01
C GLN A 118 -6.57 -16.57 -7.79
N LEU A 119 -7.20 -15.41 -7.94
CA LEU A 119 -7.96 -14.85 -6.83
C LEU A 119 -9.13 -15.74 -6.44
N ASP A 120 -9.86 -16.27 -7.42
CA ASP A 120 -11.02 -17.11 -7.14
C ASP A 120 -10.62 -18.37 -6.37
N LEU A 121 -9.42 -18.89 -6.63
CA LEU A 121 -8.89 -20.04 -5.92
C LEU A 121 -8.90 -19.86 -4.41
N LEU A 122 -8.86 -18.61 -3.93
CA LEU A 122 -8.65 -18.32 -2.51
C LEU A 122 -9.89 -17.83 -1.79
N GLU A 123 -11.04 -17.75 -2.48
CA GLU A 123 -12.18 -16.99 -1.97
C GLU A 123 -12.69 -17.51 -0.62
N ASP A 124 -12.76 -18.83 -0.45
CA ASP A 124 -13.23 -19.37 0.81
C ASP A 124 -12.30 -19.08 1.97
N LEU A 125 -11.01 -18.83 1.69
CA LEU A 125 -10.05 -18.53 2.74
C LEU A 125 -10.16 -17.10 3.25
N PHE A 126 -10.49 -16.15 2.38
CA PHE A 126 -10.36 -14.74 2.70
C PHE A 126 -11.69 -14.01 2.77
N PHE A 127 -12.78 -14.68 2.36
CA PHE A 127 -14.13 -14.10 2.39
C PHE A 127 -15.11 -15.13 2.95
N PRO A 128 -14.92 -15.53 4.19
CA PRO A 128 -15.91 -16.41 4.84
C PRO A 128 -17.19 -15.66 5.20
N VAL A 129 -18.19 -16.43 5.64
CA VAL A 129 -19.54 -15.88 5.84
C VAL A 129 -19.55 -14.78 6.90
N ALA A 130 -18.85 -14.99 8.03
CA ALA A 130 -18.83 -14.05 9.14
C ALA A 130 -17.37 -13.66 9.36
N PRO A 131 -16.83 -12.80 8.50
CA PRO A 131 -15.39 -12.56 8.52
C PRO A 131 -14.95 -11.80 9.76
N ALA A 132 -13.72 -12.07 10.17
CA ALA A 132 -13.06 -11.28 11.19
C ALA A 132 -12.31 -10.10 10.56
N GLY A 133 -12.00 -9.11 11.40
CA GLY A 133 -11.26 -7.95 10.95
C GLY A 133 -9.80 -8.26 10.74
N PRO A 134 -9.01 -7.21 10.47
CA PRO A 134 -9.39 -5.79 10.45
C PRO A 134 -9.88 -5.20 9.11
N PHE A 135 -9.81 -5.95 8.01
CA PHE A 135 -10.26 -5.47 6.71
C PHE A 135 -10.60 -6.69 5.88
N ALA A 136 -11.12 -6.43 4.67
CA ALA A 136 -11.56 -7.47 3.74
C ALA A 136 -10.84 -7.43 2.41
N LEU A 137 -10.77 -6.28 1.73
CA LEU A 137 -10.09 -6.22 0.45
C LEU A 137 -9.65 -4.80 0.18
N TRP A 138 -8.37 -4.62 -0.13
CA TRP A 138 -7.85 -3.37 -0.68
C TRP A 138 -7.29 -3.66 -2.06
N CYS A 139 -7.22 -2.61 -2.87
CA CYS A 139 -6.71 -2.69 -4.24
C CYS A 139 -5.64 -1.61 -4.38
N ALA A 140 -4.46 -2.01 -4.86
CA ALA A 140 -3.39 -1.09 -5.22
C ALA A 140 -3.35 -0.95 -6.73
N LEU A 141 -3.42 0.29 -7.19
CA LEU A 141 -3.33 0.62 -8.61
C LEU A 141 -2.02 1.35 -8.84
N GLU A 142 -1.19 0.79 -9.74
CA GLU A 142 0.02 1.45 -10.21
C GLU A 142 -0.35 2.24 -11.44
N LEU A 143 -0.24 3.56 -11.33
CA LEU A 143 -0.79 4.45 -12.36
C LEU A 143 0.25 4.64 -13.47
N ARG A 144 0.28 3.69 -14.38
CA ARG A 144 1.37 3.68 -15.35
C ARG A 144 1.00 4.55 -16.54
N PRO A 145 2.00 5.15 -17.20
CA PRO A 145 1.73 5.81 -18.48
C PRO A 145 1.00 4.88 -19.42
N GLY A 146 -0.01 5.42 -20.11
CA GLY A 146 -0.84 4.66 -21.02
C GLY A 146 -2.27 4.48 -20.57
N GLY A 147 -2.55 4.64 -19.27
CA GLY A 147 -3.90 4.52 -18.76
C GLY A 147 -4.33 3.13 -18.34
N VAL A 148 -3.56 2.10 -18.63
CA VAL A 148 -3.80 0.75 -18.13
C VAL A 148 -2.95 0.55 -16.90
N PRO A 149 -3.52 0.44 -15.70
CA PRO A 149 -2.73 0.38 -14.47
C PRO A 149 -2.27 -1.04 -14.16
N GLY A 150 -1.26 -1.13 -13.30
CA GLY A 150 -0.96 -2.42 -12.69
C GLY A 150 -1.90 -2.56 -11.50
N VAL A 151 -2.29 -3.79 -11.21
CA VAL A 151 -3.30 -4.06 -10.20
C VAL A 151 -2.79 -5.12 -9.24
N LYS A 152 -2.91 -4.86 -7.94
CA LYS A 152 -2.63 -5.86 -6.92
C LYS A 152 -3.83 -5.88 -5.98
N VAL A 153 -4.12 -7.06 -5.43
CA VAL A 153 -5.20 -7.18 -4.47
C VAL A 153 -4.60 -7.58 -3.13
N TYR A 154 -5.10 -6.97 -2.05
CA TYR A 154 -4.65 -7.22 -0.68
C TYR A 154 -5.75 -7.90 0.10
N LEU A 155 -5.40 -8.98 0.80
CA LEU A 155 -6.34 -9.87 1.44
C LEU A 155 -5.86 -10.10 2.88
N ASN A 156 -6.80 -10.49 3.74
CA ASN A 156 -6.59 -10.52 5.19
C ASN A 156 -6.40 -11.93 5.73
N PRO A 157 -5.16 -12.35 6.06
CA PRO A 157 -4.96 -13.69 6.65
C PRO A 157 -5.75 -13.95 7.92
N ALA A 158 -6.21 -12.92 8.64
CA ALA A 158 -7.03 -13.13 9.84
C ALA A 158 -8.52 -13.23 9.55
N ALA A 159 -8.91 -13.31 8.27
CA ALA A 159 -10.34 -13.29 7.89
C ALA A 159 -11.15 -14.38 8.61
N ARG A 160 -10.56 -15.55 8.86
CA ARG A 160 -11.24 -16.63 9.53
C ARG A 160 -10.93 -16.70 11.02
N GLY A 161 -10.43 -15.62 11.59
CA GLY A 161 -10.07 -15.49 12.99
C GLY A 161 -8.56 -15.41 13.16
N ARG A 162 -8.14 -14.69 14.21
CA ARG A 162 -6.71 -14.49 14.46
C ARG A 162 -5.99 -15.81 14.67
N ASP A 163 -6.64 -16.77 15.34
CA ASP A 163 -6.01 -18.07 15.54
C ASP A 163 -5.74 -18.82 14.24
N ARG A 164 -6.39 -18.45 13.14
CA ARG A 164 -6.17 -19.15 11.88
C ARG A 164 -5.31 -18.37 10.89
N ARG A 165 -4.67 -17.27 11.33
CA ARG A 165 -3.83 -16.45 10.43
C ARG A 165 -2.82 -17.32 9.69
N ALA A 166 -2.02 -18.09 10.43
CA ALA A 166 -0.96 -18.88 9.79
C ALA A 166 -1.56 -20.01 8.96
N GLU A 167 -2.62 -20.65 9.48
CA GLU A 167 -3.27 -21.70 8.73
C GLU A 167 -3.81 -21.17 7.40
N THR A 168 -4.39 -19.98 7.44
CA THR A 168 -4.96 -19.41 6.22
C THR A 168 -3.86 -19.02 5.23
N LEU A 169 -2.81 -18.37 5.72
CA LEU A 169 -1.71 -17.98 4.86
C LEU A 169 -1.05 -19.20 4.24
N ARG A 170 -0.84 -20.26 5.02
CA ARG A 170 -0.15 -21.44 4.50
C ARG A 170 -1.00 -22.16 3.45
N GLU A 171 -2.32 -22.19 3.67
CA GLU A 171 -3.17 -22.86 2.70
C GLU A 171 -3.27 -22.07 1.40
N ALA A 172 -3.30 -20.72 1.49
CA ALA A 172 -3.30 -19.87 0.30
C ALA A 172 -2.04 -20.09 -0.52
N LEU A 173 -0.87 -20.06 0.14
CA LEU A 173 0.39 -20.24 -0.57
C LEU A 173 0.46 -21.60 -1.24
N ASP A 174 -0.02 -22.64 -0.56
CA ASP A 174 -0.10 -23.97 -1.15
C ASP A 174 -0.97 -23.98 -2.39
N ARG A 175 -2.18 -23.41 -2.31
CA ARG A 175 -3.09 -23.42 -3.46
C ARG A 175 -2.49 -22.69 -4.65
N LEU A 176 -1.68 -21.67 -4.39
CA LEU A 176 -1.05 -20.86 -5.42
C LEU A 176 0.23 -21.48 -5.96
N GLY A 177 0.67 -22.62 -5.44
CA GLY A 177 1.86 -23.27 -5.92
C GLY A 177 3.11 -22.89 -5.15
N HIS A 178 2.99 -21.97 -4.19
CA HIS A 178 4.16 -21.49 -3.45
C HIS A 178 4.37 -22.29 -2.18
N ARG A 179 4.63 -23.59 -2.38
CA ARG A 179 4.65 -24.56 -1.27
C ARG A 179 5.88 -24.42 -0.38
N GLN A 180 6.90 -23.69 -0.81
CA GLN A 180 8.09 -23.51 0.00
C GLN A 180 8.22 -22.09 0.54
N ALA A 181 7.32 -21.17 0.16
CA ALA A 181 7.50 -19.76 0.50
C ALA A 181 7.38 -19.51 2.01
N PHE A 182 6.43 -20.17 2.65
CA PHE A 182 6.23 -19.90 4.07
C PHE A 182 7.52 -20.11 4.84
N ALA A 183 8.26 -21.18 4.53
CA ALA A 183 9.52 -21.47 5.21
C ALA A 183 10.54 -20.35 5.07
N ALA A 184 10.41 -19.48 4.05
CA ALA A 184 11.35 -18.40 3.84
C ALA A 184 11.06 -17.16 4.68
N LEU A 185 9.92 -17.13 5.36
CA LEU A 185 9.44 -15.96 6.08
C LEU A 185 10.14 -15.85 7.44
N PRO A 186 10.53 -14.64 7.84
CA PRO A 186 11.19 -14.46 9.16
C PRO A 186 10.21 -14.63 10.30
N PRO A 187 10.69 -14.72 11.54
CA PRO A 187 9.77 -14.70 12.68
C PRO A 187 8.99 -13.39 12.68
N ALA A 188 7.77 -13.44 13.20
CA ALA A 188 6.89 -12.28 13.12
C ALA A 188 5.86 -12.26 14.23
N ASP A 189 5.31 -11.06 14.47
CA ASP A 189 4.20 -10.88 15.40
C ASP A 189 2.85 -10.87 14.71
N ASP A 190 2.79 -10.66 13.40
CA ASP A 190 1.54 -10.76 12.66
C ASP A 190 1.85 -11.04 11.19
N TYR A 191 0.84 -11.54 10.47
CA TYR A 191 0.86 -11.65 9.01
C TYR A 191 -0.29 -10.77 8.53
N PRO A 192 -0.10 -9.45 8.49
CA PRO A 192 -1.25 -8.56 8.29
C PRO A 192 -1.85 -8.61 6.90
N PHE A 193 -1.06 -8.95 5.88
CA PHE A 193 -1.54 -8.81 4.51
C PHE A 193 -0.93 -9.90 3.66
N LEU A 194 -1.73 -10.45 2.75
CA LEU A 194 -1.23 -11.19 1.59
C LEU A 194 -1.67 -10.44 0.34
N ALA A 195 -0.73 -10.15 -0.56
CA ALA A 195 -1.03 -9.44 -1.81
C ALA A 195 -0.83 -10.37 -2.99
N LEU A 196 -1.71 -10.26 -3.98
CA LEU A 196 -1.64 -11.08 -5.19
C LEU A 196 -1.58 -10.12 -6.36
N ASP A 197 -0.58 -10.30 -7.23
CA ASP A 197 -0.54 -9.49 -8.45
C ASP A 197 -1.59 -10.02 -9.42
N LEU A 198 -2.29 -9.12 -10.07
CA LEU A 198 -3.30 -9.49 -11.06
C LEU A 198 -2.81 -8.94 -12.38
N GLY A 199 -2.89 -9.74 -13.42
CA GLY A 199 -2.39 -9.28 -14.70
C GLY A 199 -1.97 -10.48 -15.54
N GLU A 200 -1.06 -10.21 -16.47
CA GLU A 200 -0.63 -11.17 -17.49
C GLU A 200 0.51 -12.03 -16.94
N TRP A 201 0.14 -12.94 -16.05
CA TRP A 201 1.11 -13.85 -15.42
C TRP A 201 0.54 -15.25 -15.39
N ALA A 202 1.33 -16.20 -15.89
CA ALA A 202 0.86 -17.57 -15.97
C ALA A 202 1.06 -18.34 -14.67
N ALA A 203 1.80 -17.76 -13.72
CA ALA A 203 1.99 -18.36 -12.40
C ALA A 203 1.80 -17.25 -11.38
N PRO A 204 1.27 -17.57 -10.19
CA PRO A 204 0.96 -16.52 -9.21
C PRO A 204 2.20 -15.84 -8.68
N ARG A 205 2.05 -14.55 -8.41
CA ARG A 205 3.09 -13.76 -7.77
C ARG A 205 2.46 -13.21 -6.51
N VAL A 206 3.10 -13.43 -5.35
CA VAL A 206 2.48 -13.09 -4.08
C VAL A 206 3.47 -12.28 -3.26
N LYS A 207 2.93 -11.47 -2.36
CA LYS A 207 3.74 -10.71 -1.42
C LYS A 207 3.15 -10.96 -0.05
N VAL A 208 3.98 -11.46 0.88
CA VAL A 208 3.61 -11.77 2.25
C VAL A 208 4.20 -10.70 3.17
N TYR A 209 3.33 -10.06 3.96
CA TYR A 209 3.71 -9.05 4.94
C TYR A 209 3.81 -9.66 6.33
N CYS A 210 4.83 -9.21 7.08
CA CYS A 210 5.12 -9.60 8.44
C CYS A 210 5.27 -8.35 9.27
N THR A 211 4.53 -8.29 10.39
CA THR A 211 4.67 -7.21 11.36
C THR A 211 5.69 -7.59 12.41
N HIS A 212 6.58 -6.67 12.72
CA HIS A 212 7.61 -6.87 13.74
C HIS A 212 7.41 -5.75 14.76
N GLU A 213 6.92 -6.10 15.95
CA GLU A 213 6.65 -5.09 16.97
C GLU A 213 7.93 -4.46 17.51
N SER A 214 9.03 -5.20 17.57
CA SER A 214 10.28 -4.73 18.15
C SER A 214 11.45 -5.17 17.26
N LEU A 215 11.53 -4.60 16.06
CA LEU A 215 12.58 -4.96 15.11
C LEU A 215 13.81 -4.10 15.37
N SER A 216 14.96 -4.74 15.35
CA SER A 216 16.21 -4.00 15.47
C SER A 216 16.83 -3.79 14.09
N ALA A 217 17.72 -2.80 14.02
CA ALA A 217 18.39 -2.56 12.74
C ALA A 217 19.12 -3.81 12.27
N GLN A 218 19.70 -4.56 13.19
CA GLN A 218 20.46 -5.76 12.82
C GLN A 218 19.53 -6.84 12.26
N GLU A 219 18.39 -7.07 12.91
CA GLU A 219 17.42 -8.02 12.40
C GLU A 219 16.91 -7.61 11.03
N ALA A 220 16.60 -6.33 10.84
CA ALA A 220 16.18 -5.89 9.52
C ALA A 220 17.21 -6.26 8.47
N GLY A 221 18.50 -6.03 8.75
CA GLY A 221 19.54 -6.43 7.83
C GLY A 221 19.56 -7.93 7.58
N GLU A 222 19.39 -8.73 8.63
CA GLU A 222 19.31 -10.18 8.47
C GLU A 222 18.20 -10.56 7.50
N TYR A 223 16.98 -10.06 7.75
CA TYR A 223 15.82 -10.48 6.97
C TYR A 223 15.91 -10.07 5.50
N SER A 224 16.75 -9.09 5.16
CA SER A 224 16.83 -8.62 3.78
C SER A 224 17.48 -9.63 2.84
N ARG A 225 17.96 -10.76 3.35
CA ARG A 225 18.59 -11.78 2.51
C ARG A 225 17.54 -12.39 1.59
N LEU A 226 17.75 -12.22 0.27
CA LEU A 226 16.83 -12.74 -0.74
C LEU A 226 17.25 -14.12 -1.23
N GLY A 231 23.55 -5.70 0.71
CA GLY A 231 22.13 -5.60 1.00
C GLY A 231 21.83 -5.35 2.47
N ARG A 232 22.53 -6.08 3.34
CA ARG A 232 22.33 -5.92 4.78
C ARG A 232 22.70 -4.51 5.22
N ASP A 233 23.80 -3.98 4.72
CA ASP A 233 24.28 -2.69 5.22
C ASP A 233 23.35 -1.56 4.77
N GLN A 234 22.84 -1.62 3.54
CA GLN A 234 21.91 -0.60 3.06
C GLN A 234 20.61 -0.65 3.85
N THR A 235 20.17 -1.84 4.24
CA THR A 235 18.94 -1.95 5.00
C THR A 235 19.10 -1.44 6.42
N THR A 236 20.25 -1.71 7.05
CA THR A 236 20.48 -1.21 8.40
C THR A 236 20.64 0.31 8.42
N ASP A 237 21.39 0.87 7.46
CA ASP A 237 21.50 2.32 7.40
C ASP A 237 20.14 2.96 7.21
N PHE A 238 19.30 2.34 6.36
CA PHE A 238 17.95 2.87 6.14
C PHE A 238 17.15 2.83 7.43
N PHE A 239 17.22 1.72 8.17
CA PHE A 239 16.55 1.63 9.44
C PHE A 239 16.92 2.82 10.34
N HIS A 240 18.23 3.04 10.52
CA HIS A 240 18.67 4.13 11.39
C HIS A 240 18.21 5.46 10.86
N ALA A 241 18.34 5.68 9.55
CA ALA A 241 18.00 6.98 8.98
C ALA A 241 16.53 7.32 9.21
N VAL A 242 15.65 6.35 8.98
CA VAL A 242 14.22 6.62 9.08
C VAL A 242 13.78 6.57 10.53
N ALA A 243 14.32 5.63 11.31
CA ALA A 243 13.96 5.52 12.72
C ALA A 243 14.52 6.67 13.54
N GLY A 244 15.57 7.34 13.06
CA GLY A 244 16.16 8.42 13.82
C GLY A 244 17.03 7.94 14.96
N THR A 245 17.55 6.73 14.88
CA THR A 245 18.39 6.19 15.92
C THR A 245 19.85 6.35 15.51
N PRO A 253 16.60 4.66 21.02
CA PRO A 253 16.34 3.27 21.42
C PRO A 253 16.96 2.26 20.45
N SER A 254 16.66 0.97 20.65
CA SER A 254 17.29 -0.09 19.88
C SER A 254 16.32 -0.84 18.98
N THR A 255 15.01 -0.71 19.18
CA THR A 255 14.04 -1.45 18.39
C THR A 255 12.88 -0.55 18.01
N ARG A 256 12.22 -0.90 16.91
CA ARG A 256 11.11 -0.11 16.40
C ARG A 256 10.08 -1.04 15.79
N ARG A 257 8.84 -0.57 15.73
CA ARG A 257 7.80 -1.30 15.00
C ARG A 257 8.02 -1.09 13.50
N ALA A 258 7.98 -2.17 12.73
CA ALA A 258 8.17 -2.09 11.28
C ALA A 258 7.52 -3.29 10.61
N LEU A 259 7.42 -3.24 9.29
CA LEU A 259 6.88 -4.38 8.57
C LEU A 259 7.89 -4.77 7.52
N THR A 260 8.04 -6.06 7.28
CA THR A 260 8.79 -6.55 6.14
C THR A 260 7.81 -7.18 5.16
N CYS A 261 8.10 -7.04 3.87
CA CYS A 261 7.33 -7.63 2.79
C CYS A 261 8.30 -8.56 2.05
N HIS A 262 7.81 -9.72 1.66
CA HIS A 262 8.61 -10.78 1.05
C HIS A 262 7.86 -11.20 -0.19
N SER A 263 8.46 -10.92 -1.36
CA SER A 263 7.81 -11.09 -2.66
C SER A 263 8.32 -12.38 -3.31
N PHE A 264 7.40 -13.25 -3.73
CA PHE A 264 7.69 -14.56 -4.31
C PHE A 264 7.16 -14.53 -5.74
N THR A 265 8.08 -14.52 -6.71
CA THR A 265 7.71 -14.38 -8.12
C THR A 265 7.89 -15.67 -8.91
N ASP A 266 8.38 -16.72 -8.27
CA ASP A 266 8.42 -18.07 -8.85
C ASP A 266 8.08 -19.10 -7.80
N THR A 267 7.52 -20.23 -8.23
CA THR A 267 7.08 -21.28 -7.31
C THR A 267 8.16 -22.33 -7.07
N VAL A 268 9.31 -22.22 -7.71
CA VAL A 268 10.28 -23.32 -7.74
C VAL A 268 11.20 -23.29 -6.51
N THR A 269 11.78 -22.13 -6.20
CA THR A 269 12.91 -22.15 -5.28
C THR A 269 12.47 -22.04 -3.84
N GLY A 270 11.31 -21.45 -3.59
CA GLY A 270 10.93 -21.04 -2.25
C GLY A 270 11.66 -19.83 -1.72
N ARG A 271 12.55 -19.24 -2.49
CA ARG A 271 13.25 -18.02 -2.13
C ARG A 271 12.49 -16.80 -2.64
N PRO A 272 12.41 -15.74 -1.83
CA PRO A 272 11.78 -14.51 -2.33
C PRO A 272 12.71 -13.83 -3.32
N SER A 273 12.11 -13.14 -4.29
CA SER A 273 12.85 -12.31 -5.22
C SER A 273 12.85 -10.84 -4.82
N GLY A 274 12.05 -10.49 -3.81
CA GLY A 274 11.99 -9.12 -3.34
C GLY A 274 11.82 -9.09 -1.84
N PHE A 275 12.30 -7.98 -1.25
CA PHE A 275 12.24 -7.72 0.18
C PHE A 275 12.04 -6.23 0.36
N THR A 276 11.08 -5.84 1.21
CA THR A 276 10.85 -4.44 1.51
C THR A 276 10.80 -4.28 3.02
N LEU A 277 11.49 -3.27 3.52
CA LEU A 277 11.37 -2.83 4.91
C LEU A 277 10.48 -1.59 4.93
N HIS A 278 9.33 -1.68 5.59
CA HIS A 278 8.40 -0.56 5.71
C HIS A 278 8.52 0.04 7.11
N MET A 279 8.94 1.31 7.19
CA MET A 279 9.14 2.01 8.45
C MET A 279 8.03 3.03 8.64
N PRO A 280 7.20 2.90 9.68
CA PRO A 280 6.11 3.86 9.94
C PRO A 280 6.67 5.13 10.58
N VAL A 281 7.27 5.97 9.74
CA VAL A 281 7.98 7.16 10.24
C VAL A 281 7.03 8.04 11.06
N ARG A 282 5.74 8.04 10.71
CA ARG A 282 4.79 8.85 11.47
C ARG A 282 4.78 8.50 12.95
N SER A 283 5.21 7.30 13.31
CA SER A 283 5.27 6.90 14.71
C SER A 283 6.56 7.29 15.39
N TYR A 284 7.55 7.80 14.65
CA TYR A 284 8.88 8.07 15.19
C TYR A 284 9.16 9.54 15.42
N VAL A 285 8.35 10.45 14.87
CA VAL A 285 8.69 11.87 14.84
C VAL A 285 7.57 12.69 15.47
N GLU A 286 7.89 13.97 15.72
CA GLU A 286 6.91 14.86 16.34
C GLU A 286 5.91 15.40 15.33
N HIS A 287 6.35 15.68 14.11
CA HIS A 287 5.46 16.23 13.09
C HIS A 287 6.01 15.88 11.72
N ASP A 288 5.23 16.24 10.70
CA ASP A 288 5.57 15.86 9.33
C ASP A 288 6.76 16.62 8.76
N GLY A 289 7.08 17.78 9.32
CA GLY A 289 8.35 18.41 8.97
C GLY A 289 9.53 17.48 9.17
N ARG A 290 9.56 16.81 10.32
CA ARG A 290 10.63 15.87 10.61
C ARG A 290 10.53 14.65 9.71
N ALA A 291 9.31 14.17 9.45
CA ALA A 291 9.17 12.97 8.64
C ALA A 291 9.61 13.26 7.22
N ARG A 292 9.25 14.43 6.70
CA ARG A 292 9.67 14.80 5.36
C ARG A 292 11.19 14.95 5.29
N ASP A 293 11.80 15.54 6.32
CA ASP A 293 13.26 15.66 6.37
C ASP A 293 13.93 14.30 6.20
N ARG A 294 13.48 13.30 6.97
CA ARG A 294 14.12 12.00 6.93
C ARG A 294 13.90 11.32 5.58
N ALA A 295 12.70 11.43 5.01
CA ALA A 295 12.46 10.84 3.69
C ALA A 295 13.30 11.55 2.63
N ALA A 296 13.37 12.89 2.70
CA ALA A 296 14.18 13.63 1.74
C ALA A 296 15.65 13.23 1.83
N ASP A 297 16.17 13.10 3.04
CA ASP A 297 17.57 12.69 3.18
C ASP A 297 17.82 11.32 2.56
N VAL A 298 16.91 10.36 2.79
CA VAL A 298 17.09 9.03 2.22
C VAL A 298 17.07 9.10 0.69
N LEU A 299 16.09 9.81 0.13
CA LEU A 299 16.02 9.93 -1.33
C LEU A 299 17.28 10.57 -1.88
N ARG A 300 17.70 11.67 -1.25
CA ARG A 300 18.91 12.36 -1.71
C ARG A 300 20.12 11.42 -1.71
N ARG A 301 20.33 10.70 -0.61
CA ARG A 301 21.48 9.80 -0.51
C ARG A 301 21.47 8.71 -1.58
N TYR A 302 20.28 8.31 -2.04
CA TYR A 302 20.16 7.31 -3.08
C TYR A 302 20.16 7.91 -4.48
N GLY A 303 20.34 9.21 -4.61
CA GLY A 303 20.28 9.82 -5.92
C GLY A 303 18.89 9.90 -6.50
N MET A 304 17.87 10.01 -5.67
CA MET A 304 16.48 10.01 -6.11
C MET A 304 15.91 11.43 -6.13
N ASP A 305 14.72 11.55 -6.72
CA ASP A 305 14.09 12.84 -7.02
C ASP A 305 13.46 13.42 -5.76
N ASN A 306 14.32 13.96 -4.88
CA ASN A 306 13.78 14.47 -3.62
C ASN A 306 12.94 15.73 -3.81
N ASP A 307 13.14 16.49 -4.88
CA ASP A 307 12.26 17.62 -5.13
C ASP A 307 10.83 17.14 -5.38
N ALA A 308 10.67 16.01 -6.06
CA ALA A 308 9.33 15.52 -6.36
C ALA A 308 8.57 15.19 -5.09
N LEU A 309 9.29 14.74 -4.04
CA LEU A 309 8.63 14.46 -2.77
C LEU A 309 7.95 15.70 -2.23
N ASP A 310 8.67 16.83 -2.22
CA ASP A 310 8.06 18.05 -1.71
C ASP A 310 6.85 18.45 -2.54
N ARG A 311 6.95 18.33 -3.86
CA ARG A 311 5.82 18.69 -4.71
C ARG A 311 4.64 17.74 -4.47
N ALA A 312 4.93 16.47 -4.19
CA ALA A 312 3.86 15.52 -3.93
C ALA A 312 3.14 15.86 -2.64
N LEU A 313 3.89 16.22 -1.60
CA LEU A 313 3.23 16.57 -0.35
C LEU A 313 2.33 17.79 -0.55
N ALA A 314 2.80 18.79 -1.29
CA ALA A 314 1.99 19.98 -1.56
C ALA A 314 0.78 19.67 -2.42
N ALA A 315 0.91 18.69 -3.34
CA ALA A 315 -0.23 18.27 -4.14
C ALA A 315 -1.33 17.68 -3.27
N VAL A 316 -0.96 17.04 -2.18
CA VAL A 316 -1.95 16.40 -1.32
C VAL A 316 -2.64 17.40 -0.41
N THR A 317 -1.88 18.29 0.24
CA THR A 317 -2.46 19.24 1.18
C THR A 317 -1.61 20.50 1.21
N PRO A 318 -2.22 21.66 1.39
CA PRO A 318 -1.45 22.90 1.53
C PRO A 318 -1.04 23.22 2.95
N ARG A 319 -1.40 22.39 3.93
CA ARG A 319 -1.13 22.71 5.31
C ARG A 319 0.38 22.72 5.59
N PRO A 320 0.81 23.48 6.58
CA PRO A 320 2.21 23.38 7.02
C PRO A 320 2.52 21.98 7.53
N LEU A 321 3.71 21.48 7.19
CA LEU A 321 4.04 20.13 7.60
C LEU A 321 4.10 19.99 9.11
N ASP A 322 4.54 21.04 9.82
CA ASP A 322 4.69 20.92 11.26
C ASP A 322 3.37 21.05 12.00
N ASP A 323 2.28 21.35 11.30
CA ASP A 323 0.96 21.43 11.92
C ASP A 323 0.33 20.06 12.20
N GLY A 324 1.06 18.96 12.02
CA GLY A 324 0.50 17.66 12.33
C GLY A 324 1.52 16.58 12.02
N VAL A 325 1.10 15.34 12.20
CA VAL A 325 1.94 14.19 11.89
C VAL A 325 1.08 13.15 11.19
N GLY A 326 1.73 12.28 10.42
CA GLY A 326 1.01 11.21 9.75
C GLY A 326 0.74 11.45 8.28
N LEU A 327 1.08 12.63 7.76
CA LEU A 327 0.97 12.82 6.31
C LEU A 327 1.94 11.91 5.58
N VAL A 328 3.20 11.90 6.03
CA VAL A 328 4.18 10.91 5.62
C VAL A 328 3.94 9.67 6.48
N ALA A 329 3.17 8.71 5.95
CA ALA A 329 2.77 7.58 6.76
C ALA A 329 3.91 6.58 6.95
N TYR A 330 4.63 6.28 5.87
CA TYR A 330 5.68 5.26 5.84
C TYR A 330 6.76 5.65 4.84
N VAL A 331 7.98 5.21 5.10
CA VAL A 331 9.03 5.17 4.10
C VAL A 331 9.51 3.72 4.01
N ALA A 332 9.68 3.24 2.79
CA ALA A 332 10.02 1.84 2.57
C ALA A 332 11.25 1.77 1.69
N LEU A 333 12.12 0.82 1.98
CA LEU A 333 13.24 0.46 1.11
C LEU A 333 12.88 -0.86 0.43
N VAL A 334 12.88 -0.87 -0.91
CA VAL A 334 12.44 -1.99 -1.72
C VAL A 334 13.66 -2.57 -2.44
N HIS A 335 13.98 -3.83 -2.14
CA HIS A 335 15.01 -4.57 -2.85
C HIS A 335 14.36 -5.61 -3.76
N GLN A 336 14.89 -5.74 -4.96
CA GLN A 336 14.32 -6.69 -5.92
C GLN A 336 15.48 -7.24 -6.74
N LEU A 337 15.61 -8.56 -6.81
CA LEU A 337 16.72 -9.17 -7.53
C LEU A 337 16.77 -8.68 -8.97
N GLY A 338 17.92 -8.15 -9.38
CA GLY A 338 18.11 -7.68 -10.73
C GLY A 338 17.64 -6.26 -11.00
N ARG A 339 17.23 -5.52 -9.96
CA ARG A 339 16.78 -4.15 -10.13
C ARG A 339 17.52 -3.25 -9.16
N ASP A 340 17.56 -1.96 -9.48
CA ASP A 340 18.08 -0.98 -8.55
C ASP A 340 17.16 -0.89 -7.34
N PRO A 341 17.70 -0.62 -6.16
CA PRO A 341 16.84 -0.33 -5.01
C PRO A 341 15.87 0.79 -5.32
N ARG A 342 14.76 0.78 -4.61
CA ARG A 342 13.74 1.79 -4.75
C ARG A 342 13.37 2.26 -3.36
N VAL A 343 13.04 3.54 -3.20
CA VAL A 343 12.46 4.05 -1.96
C VAL A 343 11.03 4.46 -2.26
N THR A 344 10.09 4.01 -1.44
CA THR A 344 8.69 4.37 -1.61
C THR A 344 8.24 5.21 -0.42
N VAL A 345 7.63 6.35 -0.69
CA VAL A 345 7.04 7.18 0.36
C VAL A 345 5.52 7.07 0.28
N TYR A 346 4.90 6.79 1.43
CA TYR A 346 3.44 6.66 1.51
C TYR A 346 2.86 7.92 2.14
N VAL A 347 1.85 8.51 1.50
CA VAL A 347 1.35 9.85 1.77
C VAL A 347 -0.15 9.77 2.01
N SER A 348 -0.59 10.27 3.17
CA SER A 348 -1.97 10.14 3.60
C SER A 348 -2.84 11.18 2.92
N SER A 349 -4.13 10.85 2.80
CA SER A 349 -5.09 11.78 2.24
C SER A 349 -5.57 12.83 3.23
N GLU A 350 -5.65 12.49 4.52
CA GLU A 350 -6.15 13.41 5.54
C GLU A 350 -7.52 13.99 5.18
N ALA A 351 -8.38 13.17 4.56
CA ALA A 351 -9.72 13.63 4.22
C ALA A 351 -10.61 13.85 5.44
N TYR A 352 -10.30 13.21 6.57
CA TYR A 352 -11.13 13.31 7.76
C TYR A 352 -10.43 13.94 8.96
N ALA A 353 -9.13 13.80 9.10
CA ALA A 353 -8.48 14.34 10.28
C ALA A 353 -7.00 14.50 9.99
N VAL A 354 -6.40 15.51 10.61
CA VAL A 354 -4.95 15.70 10.67
C VAL A 354 -4.53 15.37 12.10
N GLN A 355 -3.70 14.36 12.26
CA GLN A 355 -3.23 14.00 13.60
C GLN A 355 -2.34 15.13 14.12
N PRO A 356 -2.56 15.60 15.34
CA PRO A 356 -1.75 16.70 15.86
C PRO A 356 -0.34 16.24 16.19
N PRO A 357 0.64 17.17 16.21
CA PRO A 357 2.02 16.86 16.59
C PRO A 357 2.14 16.22 17.97
O4 DST B . 5.90 -1.54 -5.20
P1 DST B . 5.16 -2.60 -4.42
O6 DST B . 5.98 -3.86 -4.37
O5 DST B . 3.84 -2.92 -5.07
O2 DST B . 4.89 -2.01 -2.90
P3 DST B . 4.07 -2.85 -1.73
O8 DST B . 5.02 -3.20 -0.58
O7 DST B . 3.49 -4.12 -2.36
S9 DST B . 2.50 -1.57 -1.00
C10 DST B . 2.75 -1.39 0.80
C11 DST B . 1.64 -1.97 1.67
C12 DST B . 0.37 -1.66 1.47
C13 DST B . -0.06 -0.69 0.38
C14 DST B . -0.67 -2.29 2.40
H101 DST B . 3.58 -1.83 1.04
H102 DST B . 2.82 -0.45 1.00
H111 DST B . 1.85 -2.57 2.34
H131 DST B . -0.85 -0.20 0.66
H132 DST B . -0.27 -1.19 -0.43
H133 DST B . 0.66 -0.07 0.19
H141 DST B . -0.57 -1.91 3.29
H142 DST B . -1.55 -2.10 2.06
H143 DST B . -0.53 -3.24 2.43
S SO4 C . -22.27 -9.51 -6.18
O1 SO4 C . -23.33 -8.54 -6.43
O2 SO4 C . -22.35 -9.87 -4.77
O3 SO4 C . -22.43 -10.67 -7.05
O4 SO4 C . -20.97 -8.88 -6.42
C TRS D . 22.38 -2.05 16.31
C1 TRS D . 22.59 -2.27 14.74
C2 TRS D . 20.94 -2.72 16.40
C3 TRS D . 21.95 -0.55 16.30
N TRS D . 23.51 -2.26 17.46
O1 TRS D . 23.24 -1.20 14.08
O2 TRS D . 20.98 -4.08 16.00
O3 TRS D . 21.70 -0.15 17.63
H11 TRS D . 21.62 -2.43 14.28
H12 TRS D . 23.17 -3.18 14.59
H21 TRS D . 20.25 -2.18 15.76
H22 TRS D . 20.58 -2.66 17.42
H31 TRS D . 21.03 -0.43 15.71
H32 TRS D . 22.72 0.06 15.86
HN1 TRS D . 23.23 -2.25 18.45
HN2 TRS D . 24.29 -1.61 17.54
HN3 TRS D . 24.05 -3.12 17.49
HO1 TRS D . 22.99 -1.18 13.14
HO2 TRS D . 20.07 -4.37 15.76
HO3 TRS D . 21.73 -0.92 18.23
S1 DTT E . -12.81 -25.79 10.35
C1 DTT E . -12.40 -26.87 8.95
C2 DTT E . -13.51 -26.96 7.91
O2 DTT E . -13.02 -27.51 6.71
C3 DTT E . -14.06 -25.55 7.66
O3 DTT E . -13.02 -24.57 7.69
C4 DTT E . -14.82 -25.49 6.35
S4 DTT E . -15.91 -24.05 6.34
HS1 DTT E . -12.08 -25.22 10.11
H11 DTT E . -11.49 -26.50 8.47
H12 DTT E . -12.19 -27.88 9.32
H2 DTT E . -14.30 -27.60 8.28
HO2 DTT E . -12.90 -26.79 6.04
H3 DTT E . -14.75 -25.31 8.47
HO3 DTT E . -13.07 -24.01 6.90
H41 DTT E . -14.13 -25.43 5.51
H42 DTT E . -15.42 -26.39 6.22
HS2 DTT E . -16.62 -24.58 5.98
N E9M F . -2.39 2.04 7.67
CA E9M F . -2.19 0.61 7.88
CG E9M F . -1.06 0.47 5.57
CD1 E9M F . -1.33 1.44 4.65
CD2 E9M F . 0.26 0.10 5.40
CE2 E9M F . 0.79 0.89 4.40
C E9M F . -0.90 0.38 8.67
O E9M F . -0.16 1.35 8.97
CB E9M F . -2.09 -0.13 6.55
CE3 E9M F . 1.08 -0.84 6.04
NE1 E9M F . -0.20 1.71 3.94
CZ3 E9M F . 2.42 -0.99 5.65
CZ2 E9M F . 2.14 0.76 4.01
CH2 E9M F . 2.95 -0.19 4.63
CN2 E9M F . -2.81 2.68 8.91
OXT E9M F . -0.56 -0.80 9.01
H E9M F . -1.52 2.44 7.37
HA E9M F . -3.05 0.23 8.42
HD1 E9M F . -2.28 1.94 4.52
HB3 E9M F . -1.81 -1.16 6.75
HB2 E9M F . -3.07 -0.10 6.06
HE3 E9M F . 0.68 -1.46 6.83
HE1 E9M F . -0.11 2.40 3.21
HZ3 E9M F . 3.04 -1.72 6.13
HZ2 E9M F . 2.54 1.39 3.22
HH2 E9M F . 3.99 -0.30 4.33
HN3 E9M F . -3.38 1.98 9.51
HN1 E9M F . -1.92 3.00 9.47
HN2 E9M F . -3.41 3.55 8.69
#